data_4LOY
#
_entry.id   4LOY
#
_cell.length_a   70.522
_cell.length_b   71.196
_cell.length_c   73.140
_cell.angle_alpha   90.000
_cell.angle_beta   100.910
_cell.angle_gamma   90.000
#
_symmetry.space_group_name_H-M   'C 1 2 1'
#
loop_
_entity.id
_entity.type
_entity.pdbx_description
1 polymer 'Thrombin heavy chain'
2 polymer 'Hirudin variant-2'
3 polymer 'Thrombin light chain'
4 non-polymer 2-acetamido-2-deoxy-beta-D-glucopyranose
5 non-polymer 'SODIUM ION'
6 non-polymer '5-Chloro-thiophene-2-carboxylic acid [(S)-2-[2-chloro-5-fluoro-3-(2-oxo-piperidin-1-yl)-benzenesulfonylamino]-3-(4-methyl-piperazin-1-yl)-3-oxo-propyl]-amide'
7 water water
#
loop_
_entity_poly.entity_id
_entity_poly.type
_entity_poly.pdbx_seq_one_letter_code
_entity_poly.pdbx_strand_id
1 'polypeptide(L)'
;IVEGSDAEIGMSPWQVMLFRKSPQELLCGASLISDRWVLTAAHCLLYPPWDKNFTENDLLVRIGKHSRTRYERNIEKISM
LEKIYIHPRYNWRENLDRDIALMKLKKPVAFSDYIHPVCLPDRETAASLLQAGYKGRVTGWGNLKETWTANVGKGQPSVL
QVVNLPIVERPVCKDSTRIRITDNMFCAGYKPDEGKRGDACEGDSGGPFVMKSPFNNRWYQMGIVSWGEGCDRDGKYGFY
THVFRLKKWIQKVIDQF
;
H
2 'polypeptide(L)' DFEEIPEE(TYS)L I
3 'polypeptide(L)' ADCGLRPLFEKKSLEDKTERELLESYI L
#
loop_
_chem_comp.id
_chem_comp.type
_chem_comp.name
_chem_comp.formula
6XS non-polymer '5-Chloro-thiophene-2-carboxylic acid [(S)-2-[2-chloro-5-fluoro-3-(2-oxo-piperidin-1-yl)-benzenesulfonylamino]-3-(4-methyl-piperazin-1-yl)-3-oxo-propyl]-amide' 'C24 H28 Cl2 F N5 O5 S2'
NA non-polymer 'SODIUM ION' 'Na 1'
NAG D-saccharide, beta linking 2-acetamido-2-deoxy-beta-D-glucopyranose 'C8 H15 N O6'
#
# COMPACT_ATOMS: atom_id res chain seq x y z
N ILE A 1 -4.84 -10.14 -1.34
CA ILE A 1 -3.66 -10.74 -0.71
C ILE A 1 -3.84 -12.24 -0.74
N VAL A 2 -2.84 -12.95 -1.27
CA VAL A 2 -2.85 -14.41 -1.37
C VAL A 2 -2.04 -14.98 -0.19
N GLU A 3 -2.56 -16.02 0.48
CA GLU A 3 -1.89 -16.71 1.60
C GLU A 3 -1.54 -15.81 2.81
N GLY A 4 -2.36 -14.80 3.04
CA GLY A 4 -2.20 -13.91 4.18
C GLY A 4 -3.16 -14.31 5.28
N SER A 5 -3.40 -13.41 6.23
CA SER A 5 -4.34 -13.67 7.31
C SER A 5 -5.14 -12.40 7.59
N ASP A 6 -6.21 -12.50 8.40
CA ASP A 6 -7.01 -11.33 8.77
C ASP A 6 -6.17 -10.39 9.60
N ALA A 7 -6.23 -9.09 9.26
CA ALA A 7 -5.54 -8.06 10.04
C ALA A 7 -6.22 -7.96 11.40
N GLU A 8 -5.48 -7.56 12.42
CA GLU A 8 -6.04 -7.30 13.73
C GLU A 8 -6.61 -5.88 13.66
N ILE A 9 -7.56 -5.54 14.54
CA ILE A 9 -8.15 -4.19 14.55
C ILE A 9 -7.05 -3.14 14.82
N GLY A 10 -7.01 -2.10 13.99
CA GLY A 10 -6.03 -1.02 14.10
C GLY A 10 -4.59 -1.40 13.79
N MET A 11 -4.37 -2.58 13.18
CA MET A 11 -3.04 -3.06 12.80
C MET A 11 -2.38 -2.21 11.69
N SER A 12 -3.18 -1.62 10.81
CA SER A 12 -2.68 -0.87 9.65
C SER A 12 -3.53 0.40 9.53
N PRO A 13 -3.38 1.36 10.48
CA PRO A 13 -4.30 2.51 10.52
C PRO A 13 -4.12 3.54 9.44
N TRP A 14 -3.05 3.38 8.66
CA TRP A 14 -2.72 4.17 7.47
C TRP A 14 -3.34 3.55 6.22
N GLN A 15 -4.00 2.38 6.35
CA GLN A 15 -4.62 1.73 5.19
C GLN A 15 -5.75 2.57 4.57
N VAL A 16 -5.71 2.75 3.25
CA VAL A 16 -6.75 3.54 2.59
C VAL A 16 -7.35 2.70 1.47
N MET A 17 -8.69 2.75 1.34
CA MET A 17 -9.37 2.09 0.22
C MET A 17 -9.72 3.13 -0.84
N LEU A 18 -9.25 2.94 -2.08
CA LEU A 18 -9.64 3.79 -3.20
C LEU A 18 -10.96 3.19 -3.69
N PHE A 19 -12.01 4.01 -3.68
CA PHE A 19 -13.36 3.56 -3.97
C PHE A 19 -14.02 4.32 -5.12
N ARG A 20 -14.53 3.59 -6.13
CA ARG A 20 -15.22 4.16 -7.28
C ARG A 20 -16.64 4.57 -6.83
N LYS A 21 -17.07 5.79 -7.19
CA LYS A 21 -18.39 6.32 -6.85
C LYS A 21 -19.54 5.57 -7.56
N SER A 22 -19.43 5.38 -8.89
CA SER A 22 -20.46 4.71 -9.70
C SER A 22 -19.85 3.88 -10.85
N PRO A 23 -19.97 2.53 -10.88
CA PRO A 23 -20.58 1.66 -9.85
C PRO A 23 -19.71 1.64 -8.59
N GLN A 24 -20.36 1.50 -7.43
CA GLN A 24 -19.72 1.49 -6.11
C GLN A 24 -18.87 0.24 -5.99
N GLU A 25 -17.53 0.41 -6.05
CA GLU A 25 -16.59 -0.72 -5.98
C GLU A 25 -15.16 -0.36 -5.54
N LEU A 26 -14.43 -1.36 -5.03
CA LEU A 26 -13.03 -1.24 -4.63
C LEU A 26 -12.24 -1.03 -5.92
N LEU A 27 -11.35 -0.05 -5.93
CA LEU A 27 -10.53 0.24 -7.09
C LEU A 27 -9.10 -0.17 -6.84
N CYS A 28 -8.57 0.15 -5.64
CA CYS A 28 -7.16 -0.02 -5.32
C CYS A 28 -6.95 0.18 -3.85
N GLY A 29 -5.72 -0.07 -3.42
CA GLY A 29 -5.22 0.25 -2.09
C GLY A 29 -4.52 1.60 -2.18
N ALA A 30 -4.18 2.13 -1.02
CA ALA A 30 -3.54 3.42 -0.85
C ALA A 30 -3.15 3.56 0.61
N SER A 31 -2.47 4.67 0.96
CA SER A 31 -2.02 4.88 2.32
C SER A 31 -2.14 6.32 2.75
N LEU A 32 -2.34 6.55 4.06
CA LEU A 32 -2.47 7.90 4.62
C LEU A 32 -1.07 8.34 5.07
N ILE A 33 -0.59 9.50 4.56
CA ILE A 33 0.77 9.99 4.91
C ILE A 33 0.74 11.31 5.73
N SER A 34 -0.44 11.91 5.86
CA SER A 34 -0.68 13.12 6.65
C SER A 34 -2.20 13.25 6.76
N ASP A 35 -2.72 14.29 7.45
CA ASP A 35 -4.17 14.45 7.56
C ASP A 35 -4.84 14.85 6.24
N ARG A 36 -4.07 15.27 5.21
CA ARG A 36 -4.70 15.65 3.96
C ARG A 36 -4.08 15.00 2.70
N TRP A 37 -3.10 14.08 2.86
CA TRP A 37 -2.44 13.46 1.70
C TRP A 37 -2.50 11.93 1.73
N VAL A 38 -2.84 11.36 0.57
CA VAL A 38 -2.94 9.92 0.36
C VAL A 38 -2.02 9.52 -0.80
N LEU A 39 -1.23 8.47 -0.58
CA LEU A 39 -0.26 7.90 -1.53
C LEU A 39 -0.82 6.64 -2.17
N THR A 40 -0.65 6.49 -3.48
CA THR A 40 -1.15 5.30 -4.18
C THR A 40 -0.26 5.02 -5.40
N ALA A 41 -0.60 4.02 -6.21
CA ALA A 41 0.15 3.75 -7.43
C ALA A 41 -0.51 4.57 -8.55
N ALA A 42 0.29 5.16 -9.44
CA ALA A 42 -0.23 5.92 -10.59
C ALA A 42 -1.19 5.09 -11.44
N HIS A 43 -0.94 3.75 -11.60
CA HIS A 43 -1.77 2.91 -12.46
C HIS A 43 -3.19 2.74 -11.91
N CYS A 44 -3.41 3.03 -10.61
CA CYS A 44 -4.75 3.01 -10.01
C CYS A 44 -5.61 4.15 -10.56
N LEU A 45 -4.96 5.20 -11.06
CA LEU A 45 -5.64 6.39 -11.59
C LEU A 45 -5.54 6.53 -13.07
N LEU A 46 -4.38 6.17 -13.65
CA LEU A 46 -4.13 6.29 -15.07
C LEU A 46 -3.51 5.02 -15.63
N TYR A 47 -4.26 4.34 -16.50
CA TYR A 47 -3.79 3.15 -17.19
C TYR A 47 -4.46 3.04 -18.59
N PRO A 48 -3.93 3.78 -19.61
CA PRO A 48 -4.56 3.77 -20.95
C PRO A 48 -4.80 2.39 -21.61
N PRO A 49 -3.99 1.31 -21.37
CA PRO A 49 -4.30 0.01 -22.00
C PRO A 49 -5.66 -0.55 -21.60
N TRP A 50 -6.19 -0.13 -20.42
CA TRP A 50 -7.49 -0.54 -19.88
C TRP A 50 -8.53 0.58 -19.94
N ASP A 51 -8.23 1.71 -20.66
CA ASP A 51 -9.07 2.91 -20.77
C ASP A 51 -9.35 3.54 -19.39
N LYS A 52 -8.38 3.41 -18.48
CA LYS A 52 -8.50 3.96 -17.14
C LYS A 52 -7.85 5.34 -17.11
N ASN A 53 -8.64 6.36 -16.74
CA ASN A 53 -8.21 7.75 -16.60
C ASN A 53 -9.21 8.47 -15.70
N PHE A 54 -9.10 8.26 -14.38
CA PHE A 54 -10.02 8.88 -13.44
C PHE A 54 -9.76 10.36 -13.17
N THR A 55 -10.84 11.10 -12.90
CA THR A 55 -10.79 12.48 -12.41
C THR A 55 -11.15 12.40 -10.92
N GLU A 56 -10.91 13.50 -10.18
CA GLU A 56 -11.15 13.63 -8.73
C GLU A 56 -12.56 13.24 -8.34
N ASN A 57 -13.54 13.66 -9.15
CA ASN A 57 -14.97 13.48 -8.93
C ASN A 57 -15.49 12.06 -9.10
N ASP A 58 -14.68 11.18 -9.71
CA ASP A 58 -15.05 9.78 -9.94
C ASP A 58 -14.76 8.93 -8.74
N LEU A 59 -13.95 9.45 -7.80
CA LEU A 59 -13.43 8.67 -6.68
C LEU A 59 -13.74 9.17 -5.30
N LEU A 60 -13.63 8.24 -4.36
CA LEU A 60 -13.68 8.48 -2.93
C LEU A 60 -12.55 7.70 -2.28
N VAL A 61 -12.13 8.17 -1.11
CA VAL A 61 -11.12 7.50 -0.33
C VAL A 61 -11.78 7.12 1.01
N ARG A 62 -11.64 5.85 1.44
CA ARG A 62 -12.24 5.33 2.67
C ARG A 62 -11.13 4.90 3.61
N ILE A 63 -11.02 5.61 4.75
CA ILE A 63 -9.97 5.53 5.77
C ILE A 63 -10.50 4.95 7.06
N GLY A 64 -9.69 4.14 7.74
CA GLY A 64 -10.04 3.50 9.00
C GLY A 64 -10.83 2.23 8.86
N LYS A 65 -10.81 1.62 7.66
CA LYS A 65 -11.62 0.42 7.41
C LYS A 65 -10.98 -0.88 7.84
N HIS A 66 -11.83 -1.88 8.08
CA HIS A 66 -11.45 -3.24 8.41
C HIS A 66 -12.25 -4.20 7.52
N SER A 67 -13.58 -4.10 7.57
CA SER A 67 -14.44 -4.87 6.70
C SER A 67 -14.31 -4.31 5.29
N ARG A 68 -14.25 -5.18 4.28
CA ARG A 68 -14.14 -4.77 2.89
C ARG A 68 -15.43 -4.08 2.40
N THR A 69 -16.58 -4.76 2.54
CA THR A 69 -17.85 -4.30 1.93
C THR A 69 -18.77 -3.48 2.81
N ARG A 70 -18.66 -3.62 4.13
CA ARG A 70 -19.60 -2.96 5.02
C ARG A 70 -19.26 -1.48 5.22
N TYR A 71 -20.29 -0.65 5.46
CA TYR A 71 -20.11 0.76 5.77
C TYR A 71 -19.89 0.77 7.30
N GLU A 72 -18.65 1.08 7.73
CA GLU A 72 -18.25 1.04 9.13
C GLU A 72 -18.52 2.35 9.85
N ARG A 73 -19.82 2.57 10.11
CA ARG A 73 -20.40 3.72 10.76
C ARG A 73 -19.64 4.05 12.05
N ASN A 74 -19.29 5.32 12.27
CA ASN A 74 -18.53 5.81 13.44
C ASN A 74 -17.08 5.29 13.52
N ILE A 75 -16.59 4.57 12.50
CA ILE A 75 -15.21 4.04 12.49
C ILE A 75 -14.52 4.58 11.25
N GLU A 76 -15.02 4.25 10.06
CA GLU A 76 -14.40 4.77 8.86
C GLU A 76 -14.77 6.22 8.58
N LYS A 77 -13.89 6.90 7.83
CA LYS A 77 -14.12 8.26 7.33
C LYS A 77 -14.01 8.21 5.82
N ILE A 78 -15.02 8.77 5.12
CA ILE A 78 -15.07 8.81 3.66
C ILE A 78 -14.69 10.23 3.22
N SER A 79 -13.64 10.35 2.41
CA SER A 79 -13.12 11.65 1.96
C SER A 79 -13.19 11.87 0.47
N MET A 80 -13.42 13.13 0.07
CA MET A 80 -13.45 13.55 -1.32
C MET A 80 -12.06 14.05 -1.70
N LEU A 81 -11.71 13.91 -2.98
CA LEU A 81 -10.42 14.35 -3.52
C LEU A 81 -10.46 15.75 -4.04
N GLU A 82 -9.47 16.56 -3.67
CA GLU A 82 -9.32 17.93 -4.15
C GLU A 82 -8.55 17.89 -5.47
N LYS A 83 -7.40 17.16 -5.47
CA LYS A 83 -6.55 17.04 -6.66
C LYS A 83 -5.74 15.77 -6.63
N ILE A 84 -5.50 15.20 -7.83
CA ILE A 84 -4.68 14.02 -8.08
C ILE A 84 -3.39 14.54 -8.72
N TYR A 85 -2.23 13.99 -8.30
CA TYR A 85 -0.93 14.33 -8.87
C TYR A 85 -0.26 13.05 -9.25
N ILE A 86 0.04 12.87 -10.53
CA ILE A 86 0.69 11.65 -11.02
C ILE A 86 2.15 11.98 -11.36
N HIS A 87 3.12 11.06 -11.08
CA HIS A 87 4.51 11.32 -11.43
C HIS A 87 4.61 11.61 -12.94
N PRO A 88 5.22 12.76 -13.34
CA PRO A 88 5.29 13.09 -14.77
C PRO A 88 6.05 12.09 -15.64
N ARG A 89 6.92 11.27 -15.03
CA ARG A 89 7.71 10.29 -15.75
C ARG A 89 7.24 8.84 -15.48
N TYR A 90 5.98 8.69 -15.04
CA TYR A 90 5.34 7.39 -14.85
C TYR A 90 5.28 6.67 -16.22
N ASN A 91 5.82 5.46 -16.31
CA ASN A 91 5.91 4.71 -17.56
C ASN A 91 4.85 3.62 -17.63
N TRP A 92 3.63 3.98 -18.10
CA TRP A 92 2.55 3.00 -18.24
C TRP A 92 2.72 2.14 -19.49
N ARG A 93 3.50 2.61 -20.47
CA ARG A 93 3.64 1.90 -21.75
C ARG A 93 4.44 0.62 -21.65
N GLU A 94 5.37 0.54 -20.69
CA GLU A 94 6.29 -0.59 -20.63
C GLU A 94 6.26 -1.43 -19.34
N ASN A 95 6.74 -0.85 -18.21
CA ASN A 95 6.97 -1.59 -16.98
C ASN A 95 6.44 -0.93 -15.70
N LEU A 96 5.59 0.13 -15.81
CA LEU A 96 5.06 0.86 -14.65
C LEU A 96 6.20 1.51 -13.84
N ASP A 97 7.26 1.93 -14.54
CA ASP A 97 8.35 2.65 -13.88
C ASP A 97 7.76 3.94 -13.31
N ARG A 98 8.18 4.28 -12.08
CA ARG A 98 7.71 5.45 -11.30
C ARG A 98 6.19 5.38 -11.08
N ASP A 99 5.74 4.20 -10.63
CA ASP A 99 4.32 3.93 -10.40
C ASP A 99 3.87 4.57 -9.09
N ILE A 100 3.62 5.89 -9.13
CA ILE A 100 3.32 6.66 -7.93
C ILE A 100 2.40 7.81 -8.22
N ALA A 101 1.51 8.10 -7.28
CA ALA A 101 0.58 9.23 -7.36
C ALA A 101 0.23 9.70 -5.96
N LEU A 102 -0.09 10.98 -5.85
CA LEU A 102 -0.55 11.58 -4.60
C LEU A 102 -1.96 12.09 -4.83
N MET A 103 -2.78 12.02 -3.79
CA MET A 103 -4.14 12.54 -3.83
C MET A 103 -4.32 13.44 -2.61
N LYS A 104 -4.69 14.70 -2.86
CA LYS A 104 -4.93 15.68 -1.80
C LYS A 104 -6.42 15.62 -1.47
N LEU A 105 -6.75 15.49 -0.17
CA LEU A 105 -8.14 15.46 0.28
C LEU A 105 -8.72 16.86 0.35
N LYS A 106 -10.04 16.99 0.13
CA LYS A 106 -10.71 18.30 0.22
C LYS A 106 -10.64 18.86 1.64
N LYS A 107 -10.78 17.99 2.66
CA LYS A 107 -10.75 18.39 4.06
C LYS A 107 -9.83 17.45 4.84
N PRO A 108 -9.16 17.92 5.92
CA PRO A 108 -8.30 17.00 6.69
C PRO A 108 -9.10 15.91 7.40
N VAL A 109 -8.54 14.70 7.45
CA VAL A 109 -9.18 13.59 8.15
C VAL A 109 -8.76 13.64 9.62
N ALA A 110 -9.72 13.42 10.53
CA ALA A 110 -9.39 13.42 11.95
C ALA A 110 -8.78 12.06 12.33
N PHE A 111 -7.67 12.09 13.08
CA PHE A 111 -7.00 10.86 13.51
C PHE A 111 -7.77 10.20 14.63
N SER A 112 -7.69 8.86 14.72
CA SER A 112 -8.41 8.10 15.74
C SER A 112 -7.61 6.84 16.02
N ASP A 113 -8.17 5.91 16.78
CA ASP A 113 -7.55 4.60 17.03
C ASP A 113 -7.37 3.81 15.73
N TYR A 114 -8.23 4.08 14.72
CA TYR A 114 -8.26 3.33 13.45
C TYR A 114 -7.63 4.08 12.26
N ILE A 115 -7.30 5.38 12.46
CA ILE A 115 -6.82 6.30 11.43
C ILE A 115 -5.57 7.01 11.93
N HIS A 116 -4.45 6.75 11.26
CA HIS A 116 -3.17 7.31 11.67
C HIS A 116 -2.18 7.24 10.52
N PRO A 117 -1.36 8.29 10.27
CA PRO A 117 -0.43 8.21 9.14
C PRO A 117 0.81 7.36 9.35
N VAL A 118 1.30 6.80 8.24
CA VAL A 118 2.54 6.01 8.22
C VAL A 118 3.69 7.00 7.95
N CYS A 119 4.94 6.65 8.31
CA CYS A 119 6.07 7.55 7.99
C CYS A 119 6.55 7.25 6.59
N LEU A 120 7.23 8.22 5.98
CA LEU A 120 7.95 8.00 4.73
C LEU A 120 9.42 7.95 5.08
N PRO A 121 10.17 7.02 4.45
CA PRO A 121 11.60 6.90 4.77
C PRO A 121 12.47 8.04 4.31
N ASP A 122 13.51 8.30 5.11
CA ASP A 122 14.55 9.21 4.66
C ASP A 122 15.66 8.30 4.12
N ARG A 123 16.74 8.86 3.59
CA ARG A 123 17.85 8.09 3.02
C ARG A 123 18.42 7.00 3.94
N GLU A 124 18.63 7.35 5.22
CA GLU A 124 19.21 6.46 6.22
C GLU A 124 18.30 5.25 6.52
N THR A 125 16.98 5.50 6.70
CA THR A 125 16.01 4.44 6.95
C THR A 125 15.95 3.47 5.73
N ALA A 126 15.93 4.02 4.51
CA ALA A 126 15.95 3.19 3.30
C ALA A 126 17.25 2.38 3.18
N ALA A 127 18.42 2.98 3.48
CA ALA A 127 19.69 2.25 3.40
C ALA A 127 19.73 1.10 4.43
N SER A 128 19.24 1.36 5.64
CA SER A 128 19.19 0.40 6.73
C SER A 128 18.22 -0.76 6.50
N LEU A 129 17.03 -0.47 5.98
CA LEU A 129 15.96 -1.46 5.88
C LEU A 129 15.81 -2.18 4.53
N LEU A 130 16.13 -1.50 3.43
CA LEU A 130 15.96 -2.09 2.10
C LEU A 130 17.07 -3.03 1.73
N GLN A 131 17.05 -4.21 2.34
CA GLN A 131 18.10 -5.21 2.18
C GLN A 131 17.43 -6.55 1.91
N ALA A 132 18.02 -7.37 1.01
CA ALA A 132 17.54 -8.72 0.69
C ALA A 132 17.41 -9.55 1.97
N GLY A 133 16.28 -10.23 2.13
CA GLY A 133 16.02 -11.03 3.31
C GLY A 133 15.23 -10.30 4.37
N TYR A 134 15.37 -8.98 4.48
CA TYR A 134 14.60 -8.19 5.45
C TYR A 134 13.12 -8.21 5.01
N LYS A 135 12.21 -8.43 5.96
CA LYS A 135 10.78 -8.55 5.64
C LYS A 135 10.00 -7.27 5.84
N GLY A 136 9.05 -7.09 4.95
CA GLY A 136 8.08 -6.02 4.96
C GLY A 136 6.68 -6.61 5.03
N ARG A 137 5.70 -5.75 5.21
CA ARG A 137 4.32 -6.14 5.35
C ARG A 137 3.45 -5.49 4.30
N VAL A 138 2.61 -6.30 3.65
CA VAL A 138 1.71 -5.81 2.60
C VAL A 138 0.27 -6.07 3.08
N THR A 139 -0.63 -5.11 2.87
CA THR A 139 -2.00 -5.23 3.31
C THR A 139 -2.95 -4.81 2.18
N GLY A 140 -4.16 -5.36 2.19
CA GLY A 140 -5.15 -4.98 1.19
C GLY A 140 -6.38 -5.86 1.21
N TRP A 141 -7.40 -5.43 0.48
CA TRP A 141 -8.71 -6.09 0.35
C TRP A 141 -8.84 -6.74 -1.03
N GLY A 142 -7.72 -6.95 -1.70
CA GLY A 142 -7.72 -7.54 -3.03
C GLY A 142 -7.99 -9.04 -3.04
N ASN A 143 -8.01 -9.63 -4.24
CA ASN A 143 -8.28 -11.06 -4.40
C ASN A 143 -7.41 -11.96 -3.53
N LEU A 144 -8.02 -13.02 -2.99
CA LEU A 144 -7.32 -14.02 -2.19
C LEU A 144 -6.58 -15.05 -3.09
N LYS A 145 -6.90 -15.07 -4.39
CA LYS A 145 -6.29 -16.00 -5.36
C LYS A 145 -6.22 -15.34 -6.73
N GLU A 146 -5.27 -15.78 -7.57
CA GLU A 146 -5.13 -15.28 -8.94
C GLU A 146 -6.42 -15.58 -9.73
N THR A 147 -6.93 -16.80 -9.60
CA THR A 147 -8.18 -17.22 -10.25
C THR A 147 -9.05 -17.99 -9.23
N GLY A 155 -11.69 -16.17 -3.65
CA GLY A 155 -12.55 -15.02 -3.91
C GLY A 155 -12.07 -13.72 -3.30
N GLN A 156 -12.99 -12.99 -2.65
CA GLN A 156 -12.71 -11.72 -2.02
C GLN A 156 -12.79 -11.83 -0.49
N PRO A 157 -11.93 -11.11 0.26
CA PRO A 157 -11.95 -11.25 1.72
C PRO A 157 -13.07 -10.46 2.40
N SER A 158 -13.47 -10.91 3.57
CA SER A 158 -14.49 -10.21 4.36
C SER A 158 -13.78 -9.03 5.06
N VAL A 159 -12.51 -9.21 5.48
CA VAL A 159 -11.78 -8.15 6.16
C VAL A 159 -10.37 -7.94 5.58
N LEU A 160 -9.74 -6.82 5.93
CA LEU A 160 -8.38 -6.47 5.51
C LEU A 160 -7.42 -7.66 5.74
N GLN A 161 -6.61 -7.98 4.72
CA GLN A 161 -5.64 -9.07 4.77
C GLN A 161 -4.24 -8.56 4.95
N VAL A 162 -3.38 -9.36 5.58
CA VAL A 162 -1.99 -9.00 5.89
C VAL A 162 -1.04 -10.14 5.52
N VAL A 163 0.13 -9.80 4.96
CA VAL A 163 1.15 -10.80 4.68
C VAL A 163 2.54 -10.19 4.86
N ASN A 164 3.45 -10.92 5.49
CA ASN A 164 4.84 -10.51 5.65
C ASN A 164 5.68 -11.21 4.59
N LEU A 165 6.52 -10.46 3.88
CA LEU A 165 7.30 -10.97 2.75
C LEU A 165 8.73 -10.47 2.73
N PRO A 166 9.71 -11.32 2.34
CA PRO A 166 11.10 -10.85 2.33
C PRO A 166 11.44 -10.09 1.06
N ILE A 167 12.28 -9.05 1.19
CA ILE A 167 12.82 -8.31 0.04
C ILE A 167 13.74 -9.31 -0.67
N VAL A 168 13.72 -9.31 -2.02
CA VAL A 168 14.51 -10.27 -2.80
C VAL A 168 15.71 -9.54 -3.45
N GLU A 169 16.84 -10.25 -3.63
CA GLU A 169 18.07 -9.76 -4.26
C GLU A 169 17.73 -9.25 -5.67
N ARG A 170 18.28 -8.08 -6.09
CA ARG A 170 18.04 -7.50 -7.43
C ARG A 170 18.28 -8.51 -8.58
N PRO A 171 19.38 -9.32 -8.61
CA PRO A 171 19.54 -10.29 -9.72
C PRO A 171 18.40 -11.33 -9.80
N VAL A 172 17.93 -11.81 -8.64
CA VAL A 172 16.83 -12.79 -8.56
C VAL A 172 15.51 -12.16 -9.10
N CYS A 173 15.21 -10.90 -8.73
CA CYS A 173 14.06 -10.14 -9.25
C CYS A 173 14.18 -10.07 -10.81
N LYS A 174 15.32 -9.63 -11.30
CA LYS A 174 15.55 -9.51 -12.74
C LYS A 174 15.43 -10.85 -13.47
N ASP A 175 15.99 -11.91 -12.90
CA ASP A 175 16.00 -13.24 -13.48
C ASP A 175 14.63 -13.97 -13.45
N SER A 176 13.64 -13.41 -12.74
CA SER A 176 12.30 -14.01 -12.63
C SER A 176 11.33 -13.59 -13.74
N THR A 177 11.75 -12.62 -14.57
CA THR A 177 10.84 -12.01 -15.54
C THR A 177 11.52 -11.58 -16.83
N ARG A 178 10.75 -11.35 -17.90
CA ARG A 178 11.28 -10.80 -19.13
C ARG A 178 11.17 -9.27 -19.15
N ILE A 179 10.40 -8.69 -18.22
CA ILE A 179 10.19 -7.24 -18.09
C ILE A 179 11.47 -6.56 -17.60
N ARG A 180 11.79 -5.36 -18.14
CA ARG A 180 12.95 -4.57 -17.69
C ARG A 180 12.65 -3.96 -16.30
N ILE A 181 13.47 -4.32 -15.30
CA ILE A 181 13.31 -3.85 -13.92
C ILE A 181 14.20 -2.61 -13.69
N THR A 182 13.64 -1.53 -13.15
CA THR A 182 14.40 -0.28 -12.95
C THR A 182 14.83 -0.13 -11.48
N ASP A 183 15.69 0.88 -11.23
CA ASP A 183 16.14 1.24 -9.88
C ASP A 183 14.98 1.84 -9.03
N ASN A 184 13.85 2.19 -9.66
CA ASN A 184 12.67 2.74 -8.98
C ASN A 184 11.72 1.64 -8.47
N MET A 185 12.17 0.38 -8.58
CA MET A 185 11.41 -0.80 -8.17
C MET A 185 12.24 -1.72 -7.32
N PHE A 186 11.57 -2.51 -6.47
CA PHE A 186 12.17 -3.62 -5.76
C PHE A 186 11.17 -4.76 -5.81
N CYS A 187 11.65 -6.01 -5.61
CA CYS A 187 10.70 -7.09 -5.60
C CYS A 187 10.73 -7.82 -4.26
N ALA A 188 9.64 -8.47 -3.90
CA ALA A 188 9.53 -9.20 -2.64
C ALA A 188 8.68 -10.45 -2.78
N GLY A 189 8.95 -11.41 -1.92
CA GLY A 189 8.22 -12.67 -1.87
C GLY A 189 9.17 -13.83 -1.63
N TYR A 190 8.61 -15.00 -1.36
CA TYR A 190 9.40 -16.20 -1.09
C TYR A 190 9.79 -16.91 -2.38
N LYS A 191 10.97 -17.55 -2.33
CA LYS A 191 11.51 -18.36 -3.43
C LYS A 191 10.80 -19.74 -3.36
N PRO A 192 10.66 -20.48 -4.50
CA PRO A 192 10.01 -21.81 -4.43
C PRO A 192 10.59 -22.75 -3.36
N ASP A 193 11.90 -22.68 -3.10
CA ASP A 193 12.63 -23.50 -2.10
C ASP A 193 12.44 -23.07 -0.61
N GLU A 194 11.85 -21.89 -0.36
CA GLU A 194 11.69 -21.38 1.01
C GLU A 194 10.51 -22.00 1.79
N GLY A 195 9.60 -22.69 1.11
CA GLY A 195 8.47 -23.38 1.74
C GLY A 195 7.43 -22.53 2.46
N LYS A 196 7.43 -21.22 2.20
CA LYS A 196 6.45 -20.26 2.72
C LYS A 196 5.92 -19.53 1.49
N ARG A 197 4.68 -19.03 1.53
CA ARG A 197 4.09 -18.38 0.34
C ARG A 197 3.53 -17.02 0.68
N GLY A 198 2.91 -16.38 -0.30
CA GLY A 198 2.27 -15.09 -0.07
C GLY A 198 2.59 -14.05 -1.11
N ASP A 199 1.60 -13.20 -1.41
CA ASP A 199 1.75 -12.13 -2.40
C ASP A 199 0.55 -11.20 -2.36
N ALA A 200 0.71 -10.03 -2.99
CA ALA A 200 -0.39 -9.13 -3.26
C ALA A 200 -1.10 -9.70 -4.52
N CYS A 201 -2.30 -9.22 -4.81
CA CYS A 201 -3.07 -9.64 -5.99
C CYS A 201 -3.94 -8.48 -6.45
N GLU A 202 -4.76 -8.71 -7.51
CA GLU A 202 -5.67 -7.72 -8.07
C GLU A 202 -6.52 -7.11 -6.95
N GLY A 203 -6.48 -5.78 -6.84
CA GLY A 203 -7.23 -5.05 -5.82
C GLY A 203 -6.34 -4.54 -4.70
N ASP A 204 -5.10 -5.09 -4.57
CA ASP A 204 -4.12 -4.66 -3.57
C ASP A 204 -3.21 -3.56 -4.07
N SER A 205 -3.10 -3.42 -5.40
CA SER A 205 -2.27 -2.42 -6.10
C SER A 205 -2.53 -1.05 -5.52
N GLY A 206 -1.47 -0.27 -5.36
CA GLY A 206 -1.53 1.07 -4.78
C GLY A 206 -1.35 1.06 -3.27
N GLY A 207 -1.55 -0.11 -2.66
CA GLY A 207 -1.42 -0.32 -1.22
C GLY A 207 0.01 -0.24 -0.71
N PRO A 208 0.21 -0.19 0.62
CA PRO A 208 1.57 -0.01 1.13
C PRO A 208 2.35 -1.29 1.41
N PHE A 209 3.69 -1.23 1.29
CA PHE A 209 4.63 -2.27 1.72
C PHE A 209 5.34 -1.56 2.89
N VAL A 210 5.11 -2.01 4.12
CA VAL A 210 5.65 -1.32 5.29
C VAL A 210 6.69 -2.13 6.07
N MET A 211 7.59 -1.43 6.78
CA MET A 211 8.60 -2.06 7.64
C MET A 211 8.64 -1.33 8.95
N LYS A 212 8.86 -2.07 10.06
CA LYS A 212 8.92 -1.48 11.39
C LYS A 212 10.36 -1.23 11.75
N SER A 213 10.79 0.05 11.72
CA SER A 213 12.18 0.33 12.02
C SER A 213 12.56 -0.19 13.45
N PRO A 214 13.63 -1.00 13.55
CA PRO A 214 14.09 -1.45 14.88
C PRO A 214 14.88 -0.38 15.65
N PHE A 215 15.15 0.75 14.99
CA PHE A 215 15.92 1.86 15.58
C PHE A 215 15.00 2.80 16.34
N ASN A 216 13.84 3.14 15.78
CA ASN A 216 12.97 4.07 16.49
C ASN A 216 11.57 3.52 16.74
N ASN A 217 11.33 2.23 16.39
CA ASN A 217 10.07 1.49 16.55
C ASN A 217 8.88 2.12 15.80
N ARG A 218 9.15 2.82 14.68
CA ARG A 218 8.10 3.42 13.88
C ARG A 218 7.94 2.63 12.59
N TRP A 219 6.72 2.64 12.04
CA TRP A 219 6.41 2.02 10.77
C TRP A 219 6.68 2.98 9.60
N TYR A 220 7.42 2.49 8.59
CA TYR A 220 7.77 3.26 7.38
C TYR A 220 7.24 2.57 6.15
N GLN A 221 6.68 3.37 5.23
CA GLN A 221 6.24 2.82 3.97
C GLN A 221 7.43 2.84 2.99
N MET A 222 7.98 1.66 2.74
CA MET A 222 9.13 1.54 1.81
C MET A 222 8.68 1.31 0.39
N GLY A 223 7.51 0.69 0.22
CA GLY A 223 7.03 0.37 -1.12
C GLY A 223 5.57 0.60 -1.37
N ILE A 224 5.20 0.62 -2.66
CA ILE A 224 3.80 0.71 -3.06
C ILE A 224 3.56 -0.52 -3.89
N VAL A 225 2.47 -1.26 -3.61
CA VAL A 225 2.12 -2.44 -4.41
C VAL A 225 1.97 -2.01 -5.87
N SER A 226 2.81 -2.56 -6.77
CA SER A 226 2.77 -2.10 -8.17
C SER A 226 2.26 -3.16 -9.15
N TRP A 227 2.97 -4.27 -9.36
CA TRP A 227 2.54 -5.31 -10.29
C TRP A 227 3.23 -6.64 -10.00
N GLY A 228 2.71 -7.69 -10.60
CA GLY A 228 3.25 -9.05 -10.53
C GLY A 228 2.71 -9.85 -11.69
N GLU A 229 3.44 -10.89 -12.09
CA GLU A 229 2.96 -11.71 -13.20
C GLU A 229 2.06 -12.76 -12.57
N GLY A 230 0.78 -12.40 -12.51
CA GLY A 230 -0.26 -13.17 -11.85
C GLY A 230 -0.19 -12.84 -10.37
N CYS A 231 -0.47 -13.82 -9.48
CA CYS A 231 -0.37 -13.65 -8.03
C CYS A 231 0.15 -14.92 -7.41
N ASP A 232 1.14 -14.80 -6.49
CA ASP A 232 1.71 -15.90 -5.72
C ASP A 232 2.15 -17.09 -6.59
N ARG A 233 2.67 -16.81 -7.79
CA ARG A 233 3.14 -17.90 -8.66
C ARG A 233 4.55 -18.26 -8.24
N ASP A 234 4.86 -19.57 -8.22
CA ASP A 234 6.20 -20.09 -7.91
C ASP A 234 7.20 -19.51 -8.93
N GLY A 235 8.33 -19.01 -8.44
CA GLY A 235 9.37 -18.45 -9.31
C GLY A 235 9.14 -17.00 -9.69
N LYS A 236 7.96 -16.43 -9.34
CA LYS A 236 7.61 -15.03 -9.61
C LYS A 236 7.64 -14.24 -8.31
N TYR A 237 7.73 -12.91 -8.42
CA TYR A 237 7.76 -12.05 -7.24
C TYR A 237 6.85 -10.86 -7.43
N GLY A 238 6.53 -10.18 -6.34
CA GLY A 238 5.75 -8.96 -6.42
C GLY A 238 6.70 -7.80 -6.60
N PHE A 239 6.32 -6.81 -7.45
CA PHE A 239 7.12 -5.62 -7.71
C PHE A 239 6.47 -4.43 -7.06
N TYR A 240 7.30 -3.63 -6.38
CA TYR A 240 6.90 -2.49 -5.59
C TYR A 240 7.62 -1.23 -6.02
N THR A 241 6.90 -0.10 -6.00
CA THR A 241 7.50 1.19 -6.25
C THR A 241 8.40 1.52 -5.05
N HIS A 242 9.66 1.88 -5.33
CA HIS A 242 10.66 2.24 -4.31
C HIS A 242 10.34 3.69 -3.86
N VAL A 243 9.64 3.83 -2.73
CA VAL A 243 9.15 5.12 -2.21
C VAL A 243 10.30 6.14 -1.98
N PHE A 244 11.38 5.73 -1.31
CA PHE A 244 12.50 6.64 -1.08
C PHE A 244 13.10 7.23 -2.38
N ARG A 245 13.24 6.38 -3.43
CA ARG A 245 13.80 6.84 -4.72
C ARG A 245 12.94 7.95 -5.35
N LEU A 246 11.64 8.04 -4.97
CA LEU A 246 10.75 9.05 -5.53
C LEU A 246 10.36 10.14 -4.52
N LYS A 247 11.12 10.23 -3.40
CA LYS A 247 10.82 11.21 -2.36
C LYS A 247 10.99 12.66 -2.83
N LYS A 248 11.94 12.95 -3.74
CA LYS A 248 12.14 14.32 -4.27
C LYS A 248 10.86 14.79 -4.94
N TRP A 249 10.20 13.90 -5.70
CA TRP A 249 8.91 14.24 -6.32
C TRP A 249 7.82 14.41 -5.27
N ILE A 250 7.74 13.48 -4.27
CA ILE A 250 6.74 13.54 -3.20
C ILE A 250 6.84 14.89 -2.48
N GLN A 251 8.06 15.26 -2.07
CA GLN A 251 8.36 16.51 -1.36
C GLN A 251 7.99 17.73 -2.21
N LYS A 252 8.36 17.71 -3.51
CA LYS A 252 8.06 18.79 -4.45
C LYS A 252 6.57 19.07 -4.53
N VAL A 253 5.75 18.00 -4.64
CA VAL A 253 4.29 18.09 -4.74
C VAL A 253 3.68 18.68 -3.47
N ILE A 254 4.06 18.13 -2.31
CA ILE A 254 3.56 18.56 -1.00
C ILE A 254 4.05 20.00 -0.69
N ASP A 255 5.29 20.39 -1.10
CA ASP A 255 5.81 21.76 -0.88
C ASP A 255 4.98 22.80 -1.65
N GLN A 256 4.61 22.48 -2.90
CA GLN A 256 3.72 23.26 -3.76
C GLN A 256 2.28 22.85 -3.40
N PHE A 257 1.26 23.46 -4.02
CA PHE A 257 -0.17 23.11 -3.86
C PHE A 257 -0.69 23.03 -2.40
N ASP B 1 -22.33 -5.81 -4.17
CA ASP B 1 -21.64 -6.46 -3.05
C ASP B 1 -21.34 -5.49 -1.90
N PHE B 2 -21.15 -4.20 -2.21
CA PHE B 2 -20.85 -3.16 -1.23
C PHE B 2 -22.09 -2.55 -0.61
N GLU B 3 -22.07 -2.43 0.72
CA GLU B 3 -23.15 -1.82 1.48
C GLU B 3 -23.17 -0.33 1.11
N GLU B 4 -24.37 0.23 0.92
CA GLU B 4 -24.55 1.63 0.52
C GLU B 4 -23.92 2.59 1.52
N ILE B 5 -23.30 3.66 1.00
CA ILE B 5 -22.64 4.67 1.83
C ILE B 5 -23.54 5.92 1.95
N PRO B 6 -23.46 6.72 3.05
CA PRO B 6 -24.31 7.91 3.14
C PRO B 6 -24.23 8.82 1.92
N GLU B 7 -25.41 9.40 1.56
CA GLU B 7 -25.64 10.22 0.38
C GLU B 7 -24.76 11.45 0.31
N GLU B 8 -24.45 12.08 1.47
CA GLU B 8 -23.58 13.26 1.60
C GLU B 8 -22.22 13.08 0.89
N TYS B 9 -21.70 11.82 0.85
CA TYS B 9 -20.41 11.47 0.25
CB TYS B 9 -19.78 10.16 0.84
CG TYS B 9 -19.61 10.23 2.35
CD1 TYS B 9 -18.85 11.26 2.95
CD2 TYS B 9 -20.25 9.23 3.13
CE1 TYS B 9 -18.74 11.35 4.37
CE2 TYS B 9 -20.13 9.29 4.54
CZ TYS B 9 -19.38 10.35 5.15
OH TYS B 9 -19.26 10.39 6.51
S TYS B 9 -18.15 9.55 7.16
O1 TYS B 9 -18.20 8.17 6.79
O2 TYS B 9 -16.93 10.21 6.75
O3 TYS B 9 -18.55 9.58 8.57
C TYS B 9 -20.48 11.32 -1.26
O TYS B 9 -19.48 11.52 -1.94
N LEU B 10 -21.67 10.98 -1.78
CA LEU B 10 -21.94 10.78 -3.20
C LEU B 10 -22.06 12.09 -4.01
N ALA C 1 5.34 14.24 13.09
CA ALA C 1 6.10 13.94 14.31
C ALA C 1 5.65 12.64 14.99
N ASP C 2 4.35 12.29 14.89
CA ASP C 2 3.77 11.08 15.48
C ASP C 2 3.52 9.95 14.45
N CYS C 3 4.04 10.12 13.22
CA CYS C 3 3.85 9.10 12.16
C CYS C 3 4.34 7.70 12.57
N GLY C 4 3.69 6.67 12.02
CA GLY C 4 4.07 5.26 12.14
C GLY C 4 4.00 4.64 13.53
N LEU C 5 3.29 5.29 14.47
CA LEU C 5 3.10 4.81 15.83
C LEU C 5 1.59 4.55 15.95
N ARG C 6 1.19 3.28 16.06
CA ARG C 6 -0.24 2.96 16.05
C ARG C 6 -0.89 3.17 17.41
N PRO C 7 -2.07 3.83 17.46
CA PRO C 7 -2.75 4.02 18.75
C PRO C 7 -3.04 2.70 19.50
N LEU C 8 -3.36 1.62 18.78
CA LEU C 8 -3.70 0.38 19.45
C LEU C 8 -2.52 -0.55 19.71
N PHE C 9 -1.33 -0.14 19.27
CA PHE C 9 -0.16 -1.00 19.43
C PHE C 9 1.00 -0.24 20.08
N GLU C 10 1.90 0.40 19.30
CA GLU C 10 3.06 1.14 19.85
C GLU C 10 2.68 2.11 20.98
N LYS C 11 1.57 2.87 20.81
CA LYS C 11 1.11 3.84 21.83
C LYS C 11 0.72 3.21 23.14
N LYS C 12 0.31 1.93 23.13
CA LYS C 12 -0.06 1.18 24.33
C LYS C 12 1.01 0.16 24.72
N SER C 13 2.15 0.11 23.99
CA SER C 13 3.21 -0.89 24.14
C SER C 13 2.63 -2.32 23.99
N LEU C 14 1.70 -2.48 23.02
CA LEU C 14 1.12 -3.78 22.68
C LEU C 14 1.70 -4.19 21.33
N GLU C 15 2.03 -5.46 21.13
CA GLU C 15 2.56 -5.89 19.83
C GLU C 15 1.54 -6.63 19.04
N ASP C 16 1.56 -6.52 17.68
CA ASP C 16 0.64 -7.32 16.88
C ASP C 16 1.21 -8.75 16.75
N LYS C 17 0.43 -9.66 16.21
CA LYS C 17 0.75 -11.08 16.15
C LYS C 17 1.92 -11.48 15.30
N THR C 18 2.35 -10.65 14.35
CA THR C 18 3.46 -11.08 13.49
C THR C 18 4.58 -10.04 13.32
N GLU C 19 4.57 -8.93 14.08
CA GLU C 19 5.66 -7.95 13.92
C GLU C 19 7.04 -8.52 14.34
N ARG C 20 7.05 -9.51 15.26
CA ARG C 20 8.29 -10.16 15.67
C ARG C 20 8.99 -10.86 14.47
N GLU C 21 8.22 -11.42 13.51
CA GLU C 21 8.76 -12.03 12.28
C GLU C 21 9.58 -11.00 11.50
N LEU C 22 9.06 -9.75 11.44
CA LEU C 22 9.77 -8.68 10.75
C LEU C 22 11.05 -8.36 11.49
N LEU C 23 10.98 -8.15 12.79
CA LEU C 23 12.19 -7.80 13.59
C LEU C 23 13.27 -8.89 13.46
N GLU C 24 12.84 -10.16 13.52
CA GLU C 24 13.79 -11.27 13.42
C GLU C 24 14.48 -11.32 12.06
N SER C 25 13.86 -10.75 11.00
CA SER C 25 14.48 -10.74 9.68
C SER C 25 15.52 -9.62 9.57
N TYR C 26 15.51 -8.65 10.52
CA TYR C 26 16.44 -7.51 10.45
C TYR C 26 17.76 -7.85 11.14
N ILE C 27 18.66 -8.50 10.39
CA ILE C 27 19.98 -8.87 10.93
C ILE C 27 20.97 -7.73 10.62
C1 NAG D . -6.98 11.92 -19.03
C2 NAG D . -6.25 12.18 -20.35
C3 NAG D . -5.87 13.67 -20.41
C4 NAG D . -7.10 14.54 -20.22
C5 NAG D . -7.81 14.18 -18.91
C6 NAG D . -9.13 14.91 -18.73
C7 NAG D . -5.04 10.20 -21.18
C8 NAG D . -3.69 9.57 -21.34
N2 NAG D . -5.07 11.35 -20.49
O3 NAG D . -5.27 13.95 -21.67
O4 NAG D . -6.72 15.92 -20.20
O5 NAG D . -8.11 12.78 -18.89
O6 NAG D . -9.78 14.51 -17.53
O7 NAG D . -6.06 9.69 -21.65
NA NA E . 6.09 -16.15 -6.05
NA NA F . 21.34 3.92 7.31
C33 6XS G . 0.88 -9.05 -8.02
C32 6XS G . 1.93 -8.78 -7.15
C31 6XS G . 1.96 -7.49 -6.80
CL3 6XS G . 3.16 -6.72 -5.76
S30 6XS G . 0.69 -6.57 -7.47
C29 6XS G . 0.15 -7.95 -8.31
C28 6XS G . -1.03 -7.84 -9.14
O39 6XS G . -1.60 -6.75 -9.14
N27 6XS G . -1.42 -8.86 -9.92
C26 6XS G . -2.52 -8.81 -10.90
C17 6XS G . -1.97 -8.16 -12.22
C18 6XS G . -1.23 -6.83 -12.06
O38 6XS G . 0.00 -6.85 -11.90
N19 6XS G . -1.89 -5.65 -12.08
C20 6XS G . -3.34 -5.51 -12.26
C21 6XS G . -3.53 -4.60 -13.48
N22 6XS G . -2.90 -3.30 -13.21
C25 6XS G . -3.19 -2.36 -14.30
C23 6XS G . -1.44 -3.46 -13.07
C24 6XS G . -1.15 -4.39 -11.87
N16 6XS G . -1.04 -9.07 -12.90
S15 6XS G . -1.06 -9.24 -14.45
O36 6XS G . -0.07 -10.29 -14.79
O37 6XS G . -2.41 -9.74 -14.78
C9 6XS G . -0.75 -7.87 -15.29
C8 6XS G . 0.55 -7.32 -15.53
CL4 6XS G . 2.03 -8.11 -14.92
C10 6XS G . -1.84 -7.15 -15.83
C11 6XS G . -1.64 -5.95 -16.54
F13 6XS G . -2.70 -5.24 -17.01
C12 6XS G . -0.35 -5.44 -16.77
C7 6XS G . 0.75 -6.13 -16.25
N3 6XS G . 2.02 -5.63 -16.44
C2 6XS G . 2.46 -4.61 -15.45
C1 6XS G . 3.86 -4.04 -15.74
C6 6XS G . 4.80 -5.06 -16.37
C5 6XS G . 4.20 -5.58 -17.68
C4 6XS G . 2.77 -6.11 -17.48
O35 6XS G . 2.38 -6.95 -18.27
#